data_8Q9S
#
_entry.id   8Q9S
#
_cell.length_a   46.217
_cell.length_b   47.682
_cell.length_c   50.562
_cell.angle_alpha   66.830
_cell.angle_beta   89.430
_cell.angle_gamma   88.930
#
_symmetry.space_group_name_H-M   'P 1'
#
loop_
_entity.id
_entity.type
_entity.pdbx_description
1 polymer "Casein kinase II subunit alpha'"
2 non-polymer ~{N}-[5-[[3-cyano-7-(cyclopropylamino)-3~{H}-pyrazolo[1,5-a]pyrimidin-5-yl]amino]-2-methyl-phenyl]propanamide
3 non-polymer 1,2-ETHANEDIOL
4 water water
#
_entity_poly.entity_id   1
_entity_poly.type   'polypeptide(L)'
_entity_poly.pdbx_seq_one_letter_code
;MGSSHHHHHHSQDPMPGPAAGSRARVYAEVNSLRSREYWDYEAHVPSWGNQDDYQLVRKLGRGKYSEVFEAINITNNERV
VVKILKPVKKKKIKREVKILENLRGGTNIIKLIDTVKDPVSKTPALVFEYINNTDFKQLYQILTDFDIRFYMYELLKALD
YCHSKGIMHRDVKPHNVMIDHQQKKLRLIDWGLAEFYHPAQEYNVRVASRYFKGPELLVDYQMYDYSLDMWSLGCMLASM
IFRREPFFHGQDNYDQLVRIAKVLGTEELYGYLKKYHIDLDPHFNDILGQHSRKRWENFIHSENRHLVSPEALDLLDKLL
RYDHQQRLTAKEAMEHPYFYPVVKEQSQPSADNAVLSSGLTAAR
;
_entity_poly.pdbx_strand_id   A
#
# COMPACT_ATOMS: atom_id res chain seq x y z
N GLY A 21 -2.48 22.23 10.19
CA GLY A 21 -2.84 21.08 11.00
C GLY A 21 -3.68 20.08 10.23
N SER A 22 -3.44 18.80 10.51
CA SER A 22 -4.18 17.71 9.91
C SER A 22 -4.05 16.49 10.80
N ARG A 23 -5.15 15.76 10.93
CA ARG A 23 -5.21 14.55 11.74
C ARG A 23 -6.03 13.52 10.97
N ALA A 24 -5.69 12.25 11.15
CA ALA A 24 -6.51 11.18 10.59
C ALA A 24 -7.94 11.25 11.14
N ARG A 25 -8.91 10.95 10.25
CA ARG A 25 -10.32 10.87 10.61
C ARG A 25 -10.66 9.62 11.43
N VAL A 26 -9.83 8.58 11.34
CA VAL A 26 -10.07 7.34 12.07
C VAL A 26 -8.75 6.85 12.63
N TYR A 27 -8.80 6.14 13.74
N TYR A 27 -8.83 6.12 13.74
CA TYR A 27 -7.63 5.48 14.27
CA TYR A 27 -7.66 5.51 14.38
C TYR A 27 -6.54 6.49 14.68
C TYR A 27 -6.54 6.51 14.61
N ALA A 28 -6.91 7.75 14.90
CA ALA A 28 -5.90 8.79 15.08
C ALA A 28 -5.07 8.53 16.33
N GLU A 29 -5.72 8.15 17.41
CA GLU A 29 -5.06 8.01 18.70
C GLU A 29 -4.74 6.58 19.07
N VAL A 30 -4.97 5.62 18.17
N VAL A 30 -4.85 5.63 18.14
CA VAL A 30 -4.82 4.21 18.52
CA VAL A 30 -4.85 4.23 18.54
C VAL A 30 -3.49 3.99 19.23
C VAL A 30 -3.48 3.78 19.07
N ASN A 31 -2.39 4.37 18.59
CA ASN A 31 -1.09 4.05 19.17
C ASN A 31 -0.91 4.66 20.56
N SER A 32 -1.41 5.89 20.78
N SER A 32 -1.37 5.89 20.77
CA SER A 32 -1.30 6.51 22.11
CA SER A 32 -1.29 6.49 22.10
C SER A 32 -2.17 5.82 23.14
C SER A 32 -2.01 5.63 23.13
N LEU A 33 -3.13 5.00 22.72
CA LEU A 33 -3.94 4.24 23.66
C LEU A 33 -3.36 2.88 23.98
N ARG A 34 -2.28 2.48 23.32
CA ARG A 34 -1.62 1.21 23.54
C ARG A 34 -0.36 1.40 24.37
N SER A 35 0.16 0.29 24.88
CA SER A 35 1.44 0.30 25.57
C SER A 35 2.51 0.90 24.68
N ARG A 36 3.42 1.68 25.29
CA ARG A 36 4.51 2.24 24.51
C ARG A 36 5.30 1.17 23.78
N GLU A 37 5.45 -0.02 24.40
CA GLU A 37 6.20 -1.09 23.74
C GLU A 37 5.61 -1.43 22.37
N TYR A 38 4.32 -1.17 22.17
CA TYR A 38 3.66 -1.51 20.91
C TYR A 38 4.29 -0.77 19.73
N TRP A 39 4.54 0.54 19.89
CA TRP A 39 5.01 1.39 18.78
C TRP A 39 6.47 1.81 18.91
N ASP A 40 7.10 1.59 20.06
CA ASP A 40 8.49 1.99 20.29
C ASP A 40 9.40 0.89 19.74
N TYR A 41 9.43 0.82 18.41
CA TYR A 41 10.13 -0.29 17.76
CA TYR A 41 10.13 -0.29 17.75
C TYR A 41 11.63 -0.26 18.02
N GLU A 42 12.20 0.92 18.30
CA GLU A 42 13.63 0.96 18.55
C GLU A 42 14.00 0.17 19.80
N ALA A 43 13.04 -0.01 20.72
CA ALA A 43 13.25 -0.77 21.94
C ALA A 43 12.96 -2.25 21.75
N HIS A 44 12.49 -2.65 20.57
CA HIS A 44 12.09 -4.03 20.35
C HIS A 44 13.31 -4.94 20.25
N VAL A 45 13.22 -6.11 20.87
CA VAL A 45 14.29 -7.10 20.85
C VAL A 45 13.77 -8.36 20.19
N PRO A 46 13.99 -8.53 18.89
CA PRO A 46 13.53 -9.74 18.22
C PRO A 46 14.20 -10.99 18.76
N SER A 47 13.53 -12.12 18.58
N SER A 47 13.53 -12.12 18.59
CA SER A 47 14.09 -13.44 18.88
CA SER A 47 14.09 -13.44 18.88
C SER A 47 14.58 -14.03 17.57
C SER A 47 14.58 -14.01 17.56
N TRP A 48 15.90 -14.06 17.39
CA TRP A 48 16.52 -14.44 16.12
C TRP A 48 16.80 -15.92 16.10
N GLY A 49 16.08 -16.66 15.26
CA GLY A 49 16.32 -18.08 15.05
C GLY A 49 17.48 -18.33 14.11
N ASN A 50 17.63 -19.60 13.72
CA ASN A 50 18.80 -20.04 12.95
C ASN A 50 18.46 -20.18 11.46
N GLN A 51 19.18 -19.41 10.62
CA GLN A 51 18.92 -19.44 9.18
C GLN A 51 19.34 -20.76 8.54
N ASP A 52 20.16 -21.56 9.23
CA ASP A 52 20.59 -22.81 8.63
C ASP A 52 19.43 -23.78 8.41
N ASP A 53 18.24 -23.49 8.95
CA ASP A 53 17.08 -24.34 8.69
C ASP A 53 16.49 -24.14 7.29
N TYR A 54 16.98 -23.18 6.52
CA TYR A 54 16.37 -22.80 5.25
C TYR A 54 17.36 -22.97 4.11
N GLN A 55 16.88 -23.58 3.03
CA GLN A 55 17.65 -23.81 1.81
C GLN A 55 17.12 -22.89 0.71
N LEU A 56 17.98 -21.99 0.20
CA LEU A 56 17.56 -21.10 -0.87
C LEU A 56 17.47 -21.86 -2.18
N VAL A 57 16.42 -21.59 -2.95
N VAL A 57 16.39 -21.58 -2.92
CA VAL A 57 16.19 -22.33 -4.19
CA VAL A 57 16.08 -22.27 -4.16
C VAL A 57 16.05 -21.44 -5.43
C VAL A 57 16.27 -21.37 -5.37
N ARG A 58 15.78 -20.14 -5.29
CA ARG A 58 15.68 -19.27 -6.45
C ARG A 58 15.61 -17.84 -5.97
N LYS A 59 16.29 -16.95 -6.66
CA LYS A 59 16.18 -15.53 -6.38
C LYS A 59 14.90 -15.00 -7.02
N LEU A 60 14.11 -14.28 -6.23
CA LEU A 60 12.86 -13.68 -6.69
C LEU A 60 12.95 -12.19 -6.97
N GLY A 61 13.91 -11.49 -6.37
CA GLY A 61 14.03 -10.07 -6.60
C GLY A 61 14.89 -9.43 -5.54
N ARG A 62 14.89 -8.10 -5.54
CA ARG A 62 15.66 -7.36 -4.55
C ARG A 62 15.03 -6.01 -4.32
N GLY A 63 15.23 -5.49 -3.10
CA GLY A 63 14.93 -4.13 -2.76
C GLY A 63 16.22 -3.36 -2.55
N LYS A 64 16.06 -2.08 -2.21
CA LYS A 64 17.22 -1.23 -1.97
C LYS A 64 18.12 -1.82 -0.90
N TYR A 65 17.53 -2.34 0.17
CA TYR A 65 18.30 -2.91 1.27
C TYR A 65 18.00 -4.39 1.48
N SER A 66 17.50 -5.08 0.45
CA SER A 66 17.08 -6.46 0.65
C SER A 66 17.27 -7.28 -0.62
N GLU A 67 17.42 -8.58 -0.41
CA GLU A 67 17.37 -9.57 -1.47
C GLU A 67 16.42 -10.68 -1.05
N VAL A 68 15.65 -11.15 -2.01
CA VAL A 68 14.49 -12.00 -1.76
C VAL A 68 14.64 -13.30 -2.50
N PHE A 69 14.45 -14.41 -1.79
CA PHE A 69 14.59 -15.75 -2.36
C PHE A 69 13.39 -16.62 -2.03
N GLU A 70 13.03 -17.51 -2.96
CA GLU A 70 12.23 -18.67 -2.62
C GLU A 70 13.14 -19.67 -1.90
N ALA A 71 12.60 -20.34 -0.88
CA ALA A 71 13.40 -21.26 -0.05
C ALA A 71 12.55 -22.39 0.50
N ILE A 72 13.22 -23.40 1.03
CA ILE A 72 12.56 -24.53 1.68
C ILE A 72 13.08 -24.64 3.11
N ASN A 73 12.17 -24.80 4.07
CA ASN A 73 12.54 -25.11 5.44
C ASN A 73 12.85 -26.61 5.49
N ILE A 74 14.12 -26.95 5.69
CA ILE A 74 14.50 -28.36 5.60
C ILE A 74 14.03 -29.18 6.79
N THR A 75 13.60 -28.54 7.88
CA THR A 75 13.13 -29.31 9.03
C THR A 75 11.69 -29.79 8.86
N ASN A 76 10.90 -29.17 7.99
CA ASN A 76 9.51 -29.56 7.77
C ASN A 76 9.09 -29.48 6.31
N ASN A 77 9.99 -29.16 5.39
CA ASN A 77 9.73 -29.14 3.95
C ASN A 77 8.77 -28.03 3.52
N GLU A 78 8.57 -27.01 4.34
CA GLU A 78 7.68 -25.91 3.98
C GLU A 78 8.37 -24.98 3.00
N ARG A 79 7.67 -24.59 1.93
CA ARG A 79 8.17 -23.59 1.00
C ARG A 79 7.89 -22.20 1.55
N VAL A 80 8.88 -21.31 1.46
CA VAL A 80 8.84 -19.99 2.08
C VAL A 80 9.53 -18.96 1.18
N VAL A 81 9.41 -17.70 1.58
CA VAL A 81 10.13 -16.59 0.96
C VAL A 81 11.03 -15.99 2.02
N VAL A 82 12.32 -15.89 1.72
CA VAL A 82 13.32 -15.35 2.63
C VAL A 82 13.78 -14.00 2.12
N LYS A 83 13.72 -13.00 2.97
CA LYS A 83 14.18 -11.64 2.67
C LYS A 83 15.42 -11.39 3.51
N ILE A 84 16.58 -11.36 2.86
CA ILE A 84 17.84 -11.10 3.54
C ILE A 84 18.09 -9.61 3.54
N LEU A 85 18.34 -9.05 4.72
CA LEU A 85 18.42 -7.60 4.87
C LEU A 85 19.88 -7.18 4.84
N LYS A 86 20.28 -6.56 3.73
CA LYS A 86 21.64 -6.08 3.49
C LYS A 86 21.94 -5.00 4.52
N PRO A 87 23.11 -4.37 4.48
CA PRO A 87 23.34 -3.23 5.38
C PRO A 87 22.18 -2.26 5.34
N VAL A 88 21.81 -1.78 6.52
CA VAL A 88 20.68 -0.87 6.71
C VAL A 88 20.62 -0.58 8.19
N LYS A 89 20.23 0.64 8.55
CA LYS A 89 20.04 0.96 9.96
C LYS A 89 19.25 -0.16 10.63
N LYS A 90 19.84 -0.75 11.66
CA LYS A 90 19.10 -1.73 12.45
C LYS A 90 17.77 -1.18 12.89
N LYS A 91 17.62 0.15 12.99
CA LYS A 91 16.33 0.72 13.36
C LYS A 91 15.24 0.37 12.35
N LYS A 92 15.59 0.39 11.06
CA LYS A 92 14.60 0.05 10.04
C LYS A 92 14.23 -1.42 10.09
N ILE A 93 15.19 -2.28 10.44
CA ILE A 93 14.90 -3.70 10.61
C ILE A 93 13.94 -3.90 11.77
N LYS A 94 14.23 -3.26 12.91
CA LYS A 94 13.36 -3.38 14.07
C LYS A 94 11.97 -2.88 13.75
N ARG A 95 11.87 -1.80 12.97
CA ARG A 95 10.57 -1.26 12.63
C ARG A 95 9.73 -2.29 11.88
N GLU A 96 10.30 -2.87 10.81
CA GLU A 96 9.56 -3.84 10.01
C GLU A 96 9.18 -5.06 10.83
N VAL A 97 10.11 -5.56 11.65
CA VAL A 97 9.82 -6.75 12.47
C VAL A 97 8.70 -6.45 13.46
N LYS A 98 8.78 -5.31 14.14
CA LYS A 98 7.76 -4.99 15.13
C LYS A 98 6.40 -4.80 14.47
N ILE A 99 6.37 -4.13 13.31
CA ILE A 99 5.10 -3.94 12.60
C ILE A 99 4.51 -5.29 12.23
N LEU A 100 5.33 -6.21 11.73
CA LEU A 100 4.82 -7.52 11.34
C LEU A 100 4.34 -8.32 12.54
N GLU A 101 5.03 -8.21 13.68
CA GLU A 101 4.54 -8.88 14.87
C GLU A 101 3.20 -8.29 15.31
N ASN A 102 3.06 -6.97 15.26
CA ASN A 102 1.80 -6.34 15.64
C ASN A 102 0.65 -6.74 14.72
N LEU A 103 0.94 -7.03 13.46
CA LEU A 103 -0.07 -7.37 12.48
C LEU A 103 -0.32 -8.87 12.41
N ARG A 104 0.32 -9.66 13.30
CA ARG A 104 0.20 -11.12 13.27
C ARG A 104 -1.27 -11.55 13.22
N GLY A 105 -1.59 -12.39 12.23
CA GLY A 105 -2.94 -12.88 12.05
C GLY A 105 -3.86 -11.94 11.30
N GLY A 106 -3.41 -10.73 10.99
CA GLY A 106 -4.25 -9.79 10.25
C GLY A 106 -4.71 -10.35 8.92
N THR A 107 -5.94 -10.00 8.56
CA THR A 107 -6.59 -10.52 7.37
C THR A 107 -5.86 -10.07 6.13
N ASN A 108 -5.38 -11.03 5.35
CA ASN A 108 -4.73 -10.79 4.07
C ASN A 108 -3.41 -10.05 4.20
N ILE A 109 -2.80 -10.07 5.38
CA ILE A 109 -1.45 -9.56 5.55
C ILE A 109 -0.48 -10.72 5.49
N ILE A 110 0.62 -10.54 4.73
CA ILE A 110 1.60 -11.60 4.57
C ILE A 110 2.03 -12.08 5.95
N LYS A 111 2.04 -13.42 6.13
CA LYS A 111 2.43 -14.01 7.39
C LYS A 111 3.96 -14.06 7.52
N LEU A 112 4.47 -13.39 8.56
CA LEU A 112 5.85 -13.58 9.00
C LEU A 112 5.95 -14.89 9.78
N ILE A 113 6.76 -15.81 9.28
CA ILE A 113 6.92 -17.12 9.89
C ILE A 113 8.06 -17.13 10.89
N ASP A 114 9.17 -16.46 10.58
CA ASP A 114 10.38 -16.57 11.40
C ASP A 114 11.21 -15.31 11.19
N THR A 115 12.00 -14.98 12.20
CA THR A 115 13.08 -14.00 12.11
C THR A 115 14.36 -14.74 12.45
N VAL A 116 15.32 -14.77 11.52
CA VAL A 116 16.50 -15.59 11.66
C VAL A 116 17.74 -14.77 11.34
N LYS A 117 18.88 -15.27 11.79
CA LYS A 117 20.18 -14.68 11.46
C LYS A 117 21.14 -15.78 11.03
N ASP A 118 22.02 -15.44 10.11
CA ASP A 118 23.21 -16.24 9.87
C ASP A 118 23.94 -16.33 11.21
N PRO A 119 24.15 -17.52 11.77
CA PRO A 119 24.78 -17.60 13.11
C PRO A 119 26.23 -17.16 13.13
N VAL A 120 26.89 -16.98 11.99
CA VAL A 120 28.26 -16.51 11.95
C VAL A 120 28.33 -15.01 11.64
N SER A 121 27.71 -14.58 10.53
CA SER A 121 27.77 -13.19 10.13
C SER A 121 26.74 -12.34 10.85
N LYS A 122 25.73 -12.95 11.43
CA LYS A 122 24.65 -12.25 12.12
C LYS A 122 23.81 -11.39 11.17
N THR A 123 23.91 -11.62 9.87
CA THR A 123 23.02 -10.94 8.93
C THR A 123 21.59 -11.41 9.16
N PRO A 124 20.64 -10.50 9.36
CA PRO A 124 19.27 -10.91 9.62
C PRO A 124 18.47 -11.19 8.36
N ALA A 125 17.49 -12.05 8.50
CA ALA A 125 16.58 -12.35 7.41
C ALA A 125 15.19 -12.57 7.98
N LEU A 126 14.20 -12.22 7.18
CA LEU A 126 12.79 -12.43 7.50
C LEU A 126 12.24 -13.54 6.63
N VAL A 127 11.48 -14.45 7.25
CA VAL A 127 10.92 -15.60 6.55
C VAL A 127 9.40 -15.44 6.49
N PHE A 128 8.84 -15.47 5.27
CA PHE A 128 7.41 -15.28 5.03
C PHE A 128 6.80 -16.51 4.36
N GLU A 129 5.49 -16.64 4.52
CA GLU A 129 4.74 -17.62 3.74
C GLU A 129 4.89 -17.35 2.26
N TYR A 130 4.87 -18.43 1.47
CA TYR A 130 4.98 -18.38 0.01
C TYR A 130 3.59 -18.23 -0.59
N ILE A 131 3.46 -17.33 -1.57
CA ILE A 131 2.24 -17.17 -2.34
C ILE A 131 2.57 -17.40 -3.81
N ASN A 132 1.78 -18.22 -4.47
CA ASN A 132 2.01 -18.54 -5.89
C ASN A 132 1.35 -17.47 -6.74
N ASN A 133 2.05 -16.34 -6.84
CA ASN A 133 1.50 -15.12 -7.42
C ASN A 133 1.43 -15.20 -8.95
N THR A 134 0.35 -14.65 -9.51
CA THR A 134 0.28 -14.38 -10.94
C THR A 134 0.76 -12.96 -11.19
N ASP A 135 1.77 -12.80 -12.05
CA ASP A 135 2.29 -11.48 -12.36
C ASP A 135 1.16 -10.54 -12.74
N PHE A 136 1.13 -9.36 -12.11
CA PHE A 136 -0.02 -8.49 -12.26
C PHE A 136 -0.20 -8.00 -13.69
N LYS A 137 0.88 -7.89 -14.45
CA LYS A 137 0.74 -7.40 -15.82
C LYS A 137 -0.08 -8.38 -16.66
N GLN A 138 0.08 -9.67 -16.42
CA GLN A 138 -0.76 -10.68 -17.05
C GLN A 138 -2.14 -10.76 -16.40
N LEU A 139 -2.18 -10.75 -15.07
CA LEU A 139 -3.44 -10.93 -14.36
C LEU A 139 -4.44 -9.82 -14.70
N TYR A 140 -3.99 -8.56 -14.65
CA TYR A 140 -4.96 -7.47 -14.77
C TYR A 140 -5.65 -7.50 -16.13
N GLN A 141 -5.06 -8.16 -17.11
CA GLN A 141 -5.68 -8.27 -18.43
C GLN A 141 -6.84 -9.23 -18.49
N ILE A 142 -6.97 -10.15 -17.52
CA ILE A 142 -7.97 -11.20 -17.57
C ILE A 142 -9.01 -11.10 -16.46
N LEU A 143 -8.89 -10.13 -15.57
CA LEU A 143 -9.86 -9.97 -14.48
C LEU A 143 -11.24 -9.64 -15.03
N THR A 144 -12.27 -10.30 -14.50
CA THR A 144 -13.66 -9.91 -14.71
C THR A 144 -14.07 -8.82 -13.72
N ASP A 145 -15.27 -8.27 -13.96
CA ASP A 145 -15.84 -7.28 -13.06
C ASP A 145 -15.90 -7.82 -11.64
N PHE A 146 -16.42 -9.04 -11.48
CA PHE A 146 -16.50 -9.60 -10.15
C PHE A 146 -15.11 -9.83 -9.56
N ASP A 147 -14.14 -10.27 -10.37
CA ASP A 147 -12.77 -10.47 -9.87
C ASP A 147 -12.21 -9.20 -9.25
N ILE A 148 -12.35 -8.07 -9.93
CA ILE A 148 -11.84 -6.81 -9.39
C ILE A 148 -12.50 -6.48 -8.07
N ARG A 149 -13.83 -6.55 -8.02
CA ARG A 149 -14.54 -6.32 -6.77
C ARG A 149 -14.01 -7.21 -5.66
N PHE A 150 -13.87 -8.51 -5.94
CA PHE A 150 -13.41 -9.45 -4.93
C PHE A 150 -12.02 -9.10 -4.43
N TYR A 151 -11.06 -8.92 -5.33
CA TYR A 151 -9.69 -8.66 -4.90
C TYR A 151 -9.56 -7.30 -4.21
N MET A 152 -10.26 -6.28 -4.70
CA MET A 152 -10.18 -4.99 -4.03
C MET A 152 -10.79 -5.06 -2.64
N TYR A 153 -11.88 -5.83 -2.50
CA TYR A 153 -12.47 -6.02 -1.18
C TYR A 153 -11.48 -6.69 -0.24
N GLU A 154 -10.81 -7.74 -0.72
CA GLU A 154 -9.82 -8.44 0.09
C GLU A 154 -8.63 -7.52 0.45
N LEU A 155 -8.17 -6.72 -0.50
CA LEU A 155 -7.08 -5.77 -0.18
C LEU A 155 -7.53 -4.74 0.83
N LEU A 156 -8.76 -4.26 0.72
CA LEU A 156 -9.28 -3.33 1.71
C LEU A 156 -9.31 -3.92 3.10
N LYS A 157 -9.57 -5.23 3.24
CA LYS A 157 -9.53 -5.82 4.57
C LYS A 157 -8.13 -5.71 5.18
N ALA A 158 -7.10 -5.89 4.36
CA ALA A 158 -5.73 -5.76 4.83
C ALA A 158 -5.44 -4.35 5.30
N LEU A 159 -5.86 -3.35 4.50
CA LEU A 159 -5.62 -1.96 4.85
C LEU A 159 -6.43 -1.54 6.09
N ASP A 160 -7.70 -1.92 6.15
CA ASP A 160 -8.45 -1.62 7.36
C ASP A 160 -7.76 -2.23 8.58
N TYR A 161 -7.25 -3.47 8.44
CA TYR A 161 -6.61 -4.11 9.57
C TYR A 161 -5.38 -3.32 10.01
N CYS A 162 -4.47 -3.03 9.07
CA CYS A 162 -3.23 -2.37 9.49
C CYS A 162 -3.50 -0.95 9.98
N HIS A 163 -4.42 -0.24 9.35
CA HIS A 163 -4.78 1.09 9.84
C HIS A 163 -5.36 1.03 11.26
N SER A 164 -6.22 0.03 11.53
CA SER A 164 -6.78 -0.14 12.87
C SER A 164 -5.70 -0.47 13.89
N LYS A 165 -4.59 -1.02 13.43
CA LYS A 165 -3.43 -1.33 14.25
C LYS A 165 -2.43 -0.16 14.27
N GLY A 166 -2.84 1.01 13.80
CA GLY A 166 -2.01 2.20 13.88
C GLY A 166 -0.86 2.26 12.91
N ILE A 167 -0.94 1.56 11.78
CA ILE A 167 0.18 1.42 10.86
C ILE A 167 -0.27 1.84 9.47
N MET A 168 0.53 2.69 8.85
CA MET A 168 0.43 3.07 7.44
C MET A 168 1.39 2.19 6.65
N HIS A 169 0.89 1.63 5.54
CA HIS A 169 1.75 0.78 4.72
C HIS A 169 2.75 1.59 3.92
N ARG A 170 2.27 2.63 3.23
CA ARG A 170 3.07 3.61 2.50
C ARG A 170 3.75 3.09 1.25
N ASP A 171 3.41 1.88 0.78
CA ASP A 171 3.97 1.41 -0.48
C ASP A 171 2.96 0.48 -1.16
N VAL A 172 1.68 0.87 -1.15
CA VAL A 172 0.67 0.08 -1.83
C VAL A 172 0.85 0.24 -3.34
N LYS A 173 0.97 -0.87 -4.03
CA LYS A 173 1.16 -0.92 -5.47
C LYS A 173 0.96 -2.37 -5.91
N PRO A 174 0.74 -2.62 -7.21
CA PRO A 174 0.50 -3.99 -7.65
C PRO A 174 1.61 -4.96 -7.28
N HIS A 175 2.87 -4.52 -7.34
CA HIS A 175 4.00 -5.38 -6.99
C HIS A 175 3.96 -5.86 -5.54
N ASN A 176 3.27 -5.13 -4.66
CA ASN A 176 3.19 -5.49 -3.25
C ASN A 176 1.87 -6.14 -2.88
N VAL A 177 1.07 -6.53 -3.86
CA VAL A 177 -0.18 -7.24 -3.62
C VAL A 177 -0.03 -8.56 -4.37
N MET A 178 0.28 -9.61 -3.64
CA MET A 178 0.46 -10.94 -4.22
C MET A 178 -0.90 -11.58 -4.32
N ILE A 179 -1.22 -12.09 -5.51
CA ILE A 179 -2.50 -12.72 -5.76
C ILE A 179 -2.26 -14.09 -6.37
N ASP A 180 -2.72 -15.12 -5.68
CA ASP A 180 -2.80 -16.46 -6.24
C ASP A 180 -4.19 -16.56 -6.84
N HIS A 181 -4.28 -16.44 -8.16
CA HIS A 181 -5.57 -16.37 -8.82
C HIS A 181 -6.23 -17.73 -8.96
N GLN A 182 -5.49 -18.82 -8.75
CA GLN A 182 -6.06 -20.15 -8.75
C GLN A 182 -6.74 -20.46 -7.42
N GLN A 183 -6.08 -20.15 -6.30
CA GLN A 183 -6.66 -20.37 -4.98
C GLN A 183 -7.43 -19.18 -4.45
N LYS A 184 -7.42 -18.06 -5.18
CA LYS A 184 -8.11 -16.84 -4.75
C LYS A 184 -7.61 -16.37 -3.40
N LYS A 185 -6.28 -16.26 -3.28
CA LYS A 185 -5.62 -15.79 -2.08
C LYS A 185 -4.93 -14.48 -2.41
N LEU A 186 -5.01 -13.52 -1.51
CA LEU A 186 -4.37 -12.22 -1.68
C LEU A 186 -3.61 -11.89 -0.41
N ARG A 187 -2.38 -11.37 -0.57
CA ARG A 187 -1.60 -10.89 0.56
C ARG A 187 -0.97 -9.55 0.24
N LEU A 188 -1.06 -8.64 1.18
CA LEU A 188 -0.35 -7.37 1.12
C LEU A 188 1.03 -7.60 1.73
N ILE A 189 2.05 -7.42 0.92
CA ILE A 189 3.44 -7.70 1.27
C ILE A 189 4.29 -6.43 1.38
N ASP A 190 5.55 -6.63 1.76
CA ASP A 190 6.63 -5.65 1.85
C ASP A 190 6.29 -4.45 2.72
N TRP A 191 6.40 -4.68 4.02
CA TRP A 191 6.13 -3.71 5.06
C TRP A 191 7.37 -2.90 5.43
N GLY A 192 8.37 -2.89 4.55
CA GLY A 192 9.62 -2.21 4.80
C GLY A 192 9.56 -0.70 4.80
N LEU A 193 8.51 -0.11 4.23
CA LEU A 193 8.30 1.34 4.32
C LEU A 193 7.21 1.73 5.30
N ALA A 194 6.58 0.76 5.96
CA ALA A 194 5.46 1.04 6.84
C ALA A 194 5.91 1.78 8.09
N GLU A 195 4.99 2.55 8.66
CA GLU A 195 5.32 3.37 9.83
C GLU A 195 4.09 3.48 10.73
N PHE A 196 4.36 3.74 12.00
CA PHE A 196 3.31 4.00 12.96
C PHE A 196 2.77 5.42 12.82
N TYR A 197 1.45 5.56 12.85
CA TYR A 197 0.81 6.86 12.78
C TYR A 197 0.67 7.45 14.16
N HIS A 198 1.10 8.71 14.31
CA HIS A 198 0.97 9.45 15.55
C HIS A 198 0.45 10.84 15.17
N PRO A 199 -0.64 11.31 15.79
CA PRO A 199 -1.21 12.59 15.36
C PRO A 199 -0.20 13.71 15.38
N ALA A 200 -0.17 14.49 14.30
CA ALA A 200 0.63 15.70 14.14
C ALA A 200 2.07 15.39 13.77
N GLN A 201 2.47 14.13 13.67
CA GLN A 201 3.84 13.82 13.32
C GLN A 201 4.09 14.18 11.87
N GLU A 202 5.28 14.71 11.60
CA GLU A 202 5.71 15.03 10.25
C GLU A 202 6.52 13.85 9.71
N TYR A 203 6.06 13.28 8.60
CA TYR A 203 6.65 12.07 8.04
C TYR A 203 7.41 12.41 6.77
N ASN A 204 8.36 11.53 6.43
CA ASN A 204 9.13 11.69 5.22
C ASN A 204 8.24 11.44 4.02
N VAL A 205 8.27 12.37 3.04
CA VAL A 205 7.40 12.19 1.88
C VAL A 205 8.00 11.30 0.82
N ARG A 206 9.25 10.85 1.01
CA ARG A 206 9.91 9.97 0.04
C ARG A 206 9.54 8.52 0.33
N VAL A 207 8.27 8.22 0.14
CA VAL A 207 7.71 6.88 0.25
C VAL A 207 6.84 6.63 -0.98
N ALA A 208 6.43 5.35 -1.14
CA ALA A 208 5.60 4.87 -2.24
C ALA A 208 6.29 4.95 -3.60
N SER A 209 5.84 4.14 -4.53
CA SER A 209 6.31 4.24 -5.91
C SER A 209 5.72 5.50 -6.55
N ARG A 210 6.48 6.09 -7.49
CA ARG A 210 6.06 7.31 -8.13
C ARG A 210 4.59 7.31 -8.52
N TYR A 211 4.14 6.24 -9.19
CA TYR A 211 2.80 6.21 -9.78
C TYR A 211 1.71 6.12 -8.75
N PHE A 212 2.05 5.77 -7.52
CA PHE A 212 1.10 5.57 -6.43
C PHE A 212 1.23 6.61 -5.33
N LYS A 213 2.10 7.60 -5.50
CA LYS A 213 2.27 8.66 -4.52
C LYS A 213 1.03 9.55 -4.51
N GLY A 214 0.47 9.76 -3.33
CA GLY A 214 -0.62 10.69 -3.20
C GLY A 214 -0.16 12.12 -3.44
N PRO A 215 -1.09 13.01 -3.84
CA PRO A 215 -0.68 14.42 -4.02
C PRO A 215 -0.01 15.03 -2.81
N GLU A 216 -0.37 14.62 -1.61
CA GLU A 216 0.26 15.16 -0.42
C GLU A 216 1.77 14.94 -0.47
N LEU A 217 2.21 13.75 -0.90
CA LEU A 217 3.64 13.53 -1.03
C LEU A 217 4.26 14.40 -2.13
N LEU A 218 3.55 14.57 -3.23
CA LEU A 218 4.10 15.28 -4.37
C LEU A 218 4.22 16.78 -4.10
N VAL A 219 3.43 17.32 -3.18
CA VAL A 219 3.54 18.72 -2.78
C VAL A 219 4.27 18.89 -1.46
N ASP A 220 4.88 17.81 -0.94
CA ASP A 220 5.76 17.89 0.23
C ASP A 220 4.99 18.21 1.51
N TYR A 221 3.78 17.68 1.62
CA TYR A 221 3.00 17.83 2.84
C TYR A 221 3.28 16.64 3.77
N GLN A 222 3.92 16.93 4.91
CA GLN A 222 4.45 15.88 5.78
C GLN A 222 3.47 15.36 6.81
N MET A 223 2.35 16.05 7.05
CA MET A 223 1.39 15.63 8.06
C MET A 223 0.31 14.73 7.47
N TYR A 224 0.74 13.70 6.76
CA TYR A 224 -0.16 12.75 6.12
C TYR A 224 -0.49 11.61 7.07
N ASP A 225 -1.36 10.71 6.62
CA ASP A 225 -1.87 9.65 7.51
C ASP A 225 -2.24 8.43 6.67
N TYR A 226 -3.06 7.55 7.26
CA TYR A 226 -3.49 6.30 6.61
C TYR A 226 -4.10 6.56 5.24
N SER A 227 -4.71 7.73 5.05
CA SER A 227 -5.38 8.07 3.81
C SER A 227 -4.45 8.06 2.62
N LEU A 228 -3.13 8.13 2.86
CA LEU A 228 -2.17 7.98 1.76
C LEU A 228 -2.36 6.64 1.07
N ASP A 229 -2.54 5.59 1.86
CA ASP A 229 -2.76 4.25 1.33
C ASP A 229 -4.04 4.18 0.51
N MET A 230 -5.04 5.02 0.82
CA MET A 230 -6.28 4.99 0.10
C MET A 230 -6.14 5.63 -1.27
N TRP A 231 -5.30 6.68 -1.39
CA TRP A 231 -4.95 7.17 -2.72
C TRP A 231 -4.36 6.04 -3.56
N SER A 232 -3.37 5.34 -3.00
CA SER A 232 -2.68 4.29 -3.73
C SER A 232 -3.66 3.20 -4.17
N LEU A 233 -4.58 2.83 -3.27
CA LEU A 233 -5.60 1.85 -3.62
C LEU A 233 -6.49 2.37 -4.74
N GLY A 234 -6.90 3.65 -4.67
CA GLY A 234 -7.67 4.22 -5.75
C GLY A 234 -6.96 4.14 -7.09
N CYS A 235 -5.64 4.35 -7.09
CA CYS A 235 -4.87 4.25 -8.32
C CYS A 235 -4.95 2.85 -8.86
N MET A 236 -4.83 1.86 -7.99
CA MET A 236 -4.96 0.47 -8.40
C MET A 236 -6.35 0.16 -8.93
N LEU A 237 -7.40 0.62 -8.25
CA LEU A 237 -8.76 0.43 -8.73
C LEU A 237 -8.95 1.02 -10.12
N ALA A 238 -8.50 2.27 -10.33
CA ALA A 238 -8.60 2.89 -11.64
C ALA A 238 -7.90 2.07 -12.70
N SER A 239 -6.69 1.58 -12.41
CA SER A 239 -5.95 0.83 -13.43
C SER A 239 -6.67 -0.46 -13.79
N MET A 240 -7.32 -1.10 -12.81
N MET A 240 -7.39 -1.05 -12.84
CA MET A 240 -8.05 -2.33 -13.08
CA MET A 240 -8.04 -2.34 -13.07
C MET A 240 -9.29 -2.06 -13.93
C MET A 240 -9.41 -2.23 -13.74
N ILE A 241 -10.18 -1.18 -13.46
CA ILE A 241 -11.44 -1.00 -14.16
C ILE A 241 -11.26 -0.36 -15.53
N PHE A 242 -10.25 0.49 -15.72
CA PHE A 242 -10.06 1.16 -17.00
C PHE A 242 -9.01 0.50 -17.88
N ARG A 243 -8.23 -0.43 -17.31
CA ARG A 243 -7.15 -1.14 -18.02
C ARG A 243 -6.08 -0.19 -18.54
N ARG A 244 -5.77 0.82 -17.75
CA ARG A 244 -4.61 1.69 -17.97
C ARG A 244 -3.74 1.55 -16.73
N GLU A 245 -2.59 0.89 -16.88
CA GLU A 245 -1.76 0.51 -15.73
C GLU A 245 -0.31 0.93 -16.02
N PRO A 246 0.30 1.78 -15.17
CA PRO A 246 -0.27 2.52 -14.04
C PRO A 246 -1.27 3.54 -14.57
N PHE A 247 -2.22 3.98 -13.76
CA PHE A 247 -3.24 4.90 -14.25
C PHE A 247 -2.68 6.30 -14.45
N PHE A 248 -1.84 6.76 -13.51
CA PHE A 248 -1.19 8.08 -13.55
C PHE A 248 0.30 7.84 -13.76
N HIS A 249 0.78 8.06 -14.98
CA HIS A 249 2.10 7.59 -15.39
C HIS A 249 3.07 8.76 -15.57
N GLY A 250 3.52 9.33 -14.46
CA GLY A 250 4.45 10.43 -14.54
C GLY A 250 5.86 9.99 -14.90
N GLN A 251 6.59 10.89 -15.55
CA GLN A 251 7.97 10.65 -15.91
C GLN A 251 8.94 11.00 -14.79
N ASP A 252 8.49 11.78 -13.81
CA ASP A 252 9.23 12.10 -12.60
C ASP A 252 8.20 12.59 -11.59
N ASN A 253 8.67 12.98 -10.40
CA ASN A 253 7.71 13.36 -9.36
C ASN A 253 6.96 14.64 -9.70
N TYR A 254 7.59 15.56 -10.44
CA TYR A 254 6.85 16.74 -10.88
C TYR A 254 5.77 16.37 -11.89
N ASP A 255 6.15 15.64 -12.93
CA ASP A 255 5.18 15.24 -13.96
C ASP A 255 4.08 14.38 -13.37
N GLN A 256 4.37 13.62 -12.31
CA GLN A 256 3.33 12.82 -11.68
C GLN A 256 2.17 13.71 -11.22
N LEU A 257 2.48 14.85 -10.60
CA LEU A 257 1.39 15.73 -10.16
C LEU A 257 0.63 16.31 -11.36
N VAL A 258 1.35 16.61 -12.44
CA VAL A 258 0.70 17.12 -13.65
C VAL A 258 -0.27 16.09 -14.21
N ARG A 259 0.16 14.81 -14.23
CA ARG A 259 -0.74 13.75 -14.70
C ARG A 259 -2.01 13.70 -13.86
N ILE A 260 -1.88 13.85 -12.55
CA ILE A 260 -3.05 13.82 -11.69
C ILE A 260 -3.95 15.03 -11.99
N ALA A 261 -3.36 16.22 -12.09
CA ALA A 261 -4.13 17.44 -12.28
C ALA A 261 -4.85 17.46 -13.62
N LYS A 262 -4.30 16.81 -14.65
CA LYS A 262 -5.00 16.74 -15.92
C LYS A 262 -6.31 15.96 -15.81
N VAL A 263 -6.48 15.19 -14.75
CA VAL A 263 -7.71 14.44 -14.50
C VAL A 263 -8.58 15.11 -13.44
N LEU A 264 -8.01 15.36 -12.27
N LEU A 264 -8.01 15.39 -12.27
CA LEU A 264 -8.78 15.95 -11.18
CA LEU A 264 -8.75 15.96 -11.15
C LEU A 264 -9.03 17.43 -11.38
C LEU A 264 -8.85 17.48 -11.20
N GLY A 265 -8.17 18.12 -12.14
CA GLY A 265 -8.31 19.54 -12.37
C GLY A 265 -7.36 20.39 -11.53
N THR A 266 -6.96 21.53 -12.10
CA THR A 266 -6.04 22.42 -11.40
C THR A 266 -6.74 23.29 -10.36
N GLU A 267 -7.95 23.79 -10.63
CA GLU A 267 -8.61 24.62 -9.64
C GLU A 267 -8.83 23.84 -8.34
N GLU A 268 -9.14 22.56 -8.47
CA GLU A 268 -9.35 21.71 -7.32
C GLU A 268 -8.06 21.49 -6.54
N LEU A 269 -6.94 21.37 -7.25
CA LEU A 269 -5.62 21.30 -6.60
C LEU A 269 -5.36 22.56 -5.77
N TYR A 270 -5.59 23.73 -6.35
CA TYR A 270 -5.29 24.96 -5.63
C TYR A 270 -6.17 25.09 -4.39
N GLY A 271 -7.39 24.58 -4.45
CA GLY A 271 -8.24 24.64 -3.27
C GLY A 271 -7.70 23.79 -2.16
N TYR A 272 -7.20 22.61 -2.51
CA TYR A 272 -6.53 21.75 -1.55
C TYR A 272 -5.32 22.44 -0.95
N LEU A 273 -4.46 23.02 -1.78
CA LEU A 273 -3.27 23.68 -1.26
C LEU A 273 -3.65 24.78 -0.28
N LYS A 274 -4.67 25.56 -0.63
CA LYS A 274 -5.06 26.66 0.24
C LYS A 274 -5.57 26.16 1.58
N LYS A 275 -6.38 25.09 1.56
CA LYS A 275 -6.98 24.60 2.80
C LYS A 275 -5.91 24.22 3.81
N TYR A 276 -4.82 23.63 3.35
CA TYR A 276 -3.79 23.10 4.23
C TYR A 276 -2.55 23.99 4.27
N HIS A 277 -2.63 25.19 3.70
CA HIS A 277 -1.53 26.16 3.76
C HIS A 277 -0.26 25.60 3.13
N ILE A 278 -0.40 24.94 1.98
CA ILE A 278 0.68 24.19 1.34
C ILE A 278 1.37 25.07 0.31
N ASP A 279 2.67 25.17 0.42
CA ASP A 279 3.49 25.92 -0.53
C ASP A 279 3.87 25.00 -1.68
N LEU A 280 3.56 25.42 -2.89
CA LEU A 280 3.86 24.64 -4.08
C LEU A 280 5.23 25.02 -4.61
N ASP A 281 6.06 24.00 -4.83
CA ASP A 281 7.38 24.21 -5.41
C ASP A 281 7.25 25.00 -6.71
N PRO A 282 7.95 26.11 -6.88
CA PRO A 282 7.71 26.98 -8.05
C PRO A 282 8.10 26.37 -9.38
N HIS A 283 8.79 25.23 -9.42
CA HIS A 283 9.00 24.60 -10.71
C HIS A 283 7.68 24.14 -11.32
N PHE A 284 6.65 23.98 -10.51
CA PHE A 284 5.34 23.61 -11.03
C PHE A 284 4.71 24.71 -11.87
N ASN A 285 5.10 25.97 -11.66
CA ASN A 285 4.51 27.06 -12.42
C ASN A 285 4.71 26.86 -13.91
N ASP A 286 5.84 26.27 -14.31
CA ASP A 286 6.16 26.12 -15.73
C ASP A 286 5.44 24.93 -16.37
N ILE A 287 4.86 24.02 -15.59
CA ILE A 287 4.41 22.74 -16.12
C ILE A 287 2.96 22.39 -15.80
N LEU A 288 2.31 22.99 -14.80
CA LEU A 288 0.97 22.52 -14.43
C LEU A 288 -0.07 22.91 -15.48
N GLY A 289 0.05 24.08 -16.08
CA GLY A 289 -0.97 24.55 -17.01
C GLY A 289 -2.31 24.76 -16.29
N GLN A 290 -3.39 24.74 -17.07
CA GLN A 290 -4.74 24.79 -16.51
C GLN A 290 -5.57 23.66 -17.10
N HIS A 291 -6.26 22.92 -16.24
CA HIS A 291 -6.98 21.73 -16.67
C HIS A 291 -8.29 21.67 -15.93
N SER A 292 -9.36 21.45 -16.67
CA SER A 292 -10.66 21.18 -16.06
C SER A 292 -10.63 19.81 -15.42
N ARG A 293 -11.46 19.64 -14.39
CA ARG A 293 -11.72 18.31 -13.86
C ARG A 293 -12.45 17.50 -14.92
N LYS A 294 -12.00 16.26 -15.13
CA LYS A 294 -12.56 15.39 -16.16
C LYS A 294 -13.59 14.47 -15.53
N ARG A 295 -14.65 14.18 -16.28
CA ARG A 295 -15.61 13.17 -15.83
C ARG A 295 -15.00 11.78 -15.97
N TRP A 296 -15.17 10.96 -14.94
CA TRP A 296 -14.57 9.62 -14.96
C TRP A 296 -15.10 8.81 -16.14
N GLU A 297 -16.31 9.11 -16.59
CA GLU A 297 -16.86 8.41 -17.75
C GLU A 297 -16.01 8.61 -19.00
N ASN A 298 -15.18 9.65 -19.04
CA ASN A 298 -14.32 9.90 -20.21
C ASN A 298 -13.33 8.77 -20.44
N PHE A 299 -13.09 7.92 -19.44
CA PHE A 299 -12.09 6.86 -19.55
C PHE A 299 -12.67 5.55 -20.06
N ILE A 300 -13.99 5.48 -20.22
CA ILE A 300 -14.65 4.27 -20.69
C ILE A 300 -14.53 4.18 -22.20
N HIS A 301 -14.22 2.99 -22.69
CA HIS A 301 -14.30 2.66 -24.10
C HIS A 301 -14.57 1.17 -24.24
N SER A 302 -14.57 0.67 -25.47
CA SER A 302 -15.09 -0.68 -25.70
C SER A 302 -14.25 -1.73 -24.98
N GLU A 303 -12.97 -1.44 -24.72
CA GLU A 303 -12.10 -2.45 -24.12
C GLU A 303 -12.28 -2.60 -22.62
N ASN A 304 -12.91 -1.63 -21.96
CA ASN A 304 -13.08 -1.68 -20.51
C ASN A 304 -14.52 -1.51 -20.06
N ARG A 305 -15.46 -1.33 -20.99
CA ARG A 305 -16.84 -1.02 -20.60
C ARG A 305 -17.42 -2.06 -19.66
N HIS A 306 -17.07 -3.35 -19.86
CA HIS A 306 -17.63 -4.43 -19.06
C HIS A 306 -17.13 -4.44 -17.61
N LEU A 307 -16.13 -3.63 -17.29
CA LEU A 307 -15.58 -3.54 -15.94
C LEU A 307 -16.04 -2.30 -15.19
N VAL A 308 -16.74 -1.39 -15.85
CA VAL A 308 -17.09 -0.09 -15.30
C VAL A 308 -18.59 -0.08 -15.06
N SER A 309 -18.97 0.44 -13.93
CA SER A 309 -20.37 0.61 -13.55
C SER A 309 -20.51 1.94 -12.83
N PRO A 310 -21.75 2.42 -12.64
CA PRO A 310 -21.92 3.63 -11.84
C PRO A 310 -21.32 3.48 -10.44
N GLU A 311 -21.45 2.30 -9.86
CA GLU A 311 -20.91 2.07 -8.51
C GLU A 311 -19.38 2.15 -8.50
N ALA A 312 -18.72 1.60 -9.53
CA ALA A 312 -17.27 1.67 -9.58
C ALA A 312 -16.81 3.12 -9.68
N LEU A 313 -17.49 3.92 -10.50
CA LEU A 313 -17.07 5.30 -10.69
C LEU A 313 -17.33 6.13 -9.45
N ASP A 314 -18.44 5.89 -8.77
CA ASP A 314 -18.72 6.59 -7.53
C ASP A 314 -17.67 6.29 -6.48
N LEU A 315 -17.28 5.02 -6.35
CA LEU A 315 -16.24 4.66 -5.39
C LEU A 315 -14.92 5.31 -5.76
N LEU A 316 -14.55 5.22 -7.04
CA LEU A 316 -13.27 5.77 -7.46
C LEU A 316 -13.22 7.27 -7.21
N ASP A 317 -14.34 7.96 -7.48
CA ASP A 317 -14.39 9.39 -7.28
C ASP A 317 -14.17 9.76 -5.82
N LYS A 318 -14.53 8.87 -4.90
CA LYS A 318 -14.39 9.11 -3.47
C LYS A 318 -13.04 8.67 -2.91
N LEU A 319 -12.20 8.03 -3.72
CA LEU A 319 -10.83 7.67 -3.34
C LEU A 319 -9.80 8.62 -3.92
N LEU A 320 -9.91 8.92 -5.21
CA LEU A 320 -8.96 9.78 -5.90
C LEU A 320 -9.43 11.23 -5.76
N ARG A 321 -9.22 11.75 -4.56
CA ARG A 321 -9.46 13.15 -4.21
C ARG A 321 -8.18 13.75 -3.68
N TYR A 322 -7.93 15.02 -4.02
CA TYR A 322 -6.75 15.69 -3.50
C TYR A 322 -6.76 15.70 -1.99
N ASP A 323 -7.89 16.08 -1.41
CA ASP A 323 -7.99 16.30 0.03
C ASP A 323 -7.98 14.97 0.76
N HIS A 324 -6.84 14.65 1.39
CA HIS A 324 -6.68 13.36 2.03
C HIS A 324 -7.74 13.10 3.09
N GLN A 325 -8.24 14.16 3.75
CA GLN A 325 -9.26 14.00 4.77
C GLN A 325 -10.62 13.65 4.19
N GLN A 326 -10.85 13.93 2.91
CA GLN A 326 -12.12 13.64 2.28
C GLN A 326 -12.17 12.23 1.66
N ARG A 327 -11.03 11.58 1.47
CA ARG A 327 -11.04 10.24 0.91
C ARG A 327 -11.75 9.27 1.84
N LEU A 328 -12.41 8.26 1.26
CA LEU A 328 -12.97 7.21 2.09
C LEU A 328 -11.88 6.51 2.89
N THR A 329 -12.23 6.09 4.11
CA THR A 329 -11.40 5.16 4.84
C THR A 329 -11.53 3.77 4.22
N ALA A 330 -10.60 2.87 4.59
CA ALA A 330 -10.70 1.51 4.08
C ALA A 330 -12.03 0.85 4.44
N LYS A 331 -12.50 1.07 5.68
CA LYS A 331 -13.81 0.54 6.09
C LYS A 331 -14.95 1.15 5.27
N GLU A 332 -14.95 2.47 5.11
CA GLU A 332 -16.01 3.12 4.32
C GLU A 332 -16.01 2.58 2.89
N ALA A 333 -14.83 2.40 2.32
CA ALA A 333 -14.74 1.86 0.97
C ALA A 333 -15.29 0.45 0.90
N MET A 334 -14.93 -0.41 1.87
CA MET A 334 -15.45 -1.78 1.89
C MET A 334 -16.98 -1.80 1.94
N GLU A 335 -17.57 -0.78 2.58
CA GLU A 335 -19.00 -0.71 2.78
C GLU A 335 -19.73 -0.13 1.57
N HIS A 336 -19.00 0.25 0.54
CA HIS A 336 -19.60 0.88 -0.63
C HIS A 336 -20.40 -0.14 -1.44
N PRO A 337 -21.51 0.28 -2.04
CA PRO A 337 -22.31 -0.62 -2.91
C PRO A 337 -21.55 -1.40 -3.98
N TYR A 338 -20.43 -0.87 -4.48
CA TYR A 338 -19.60 -1.59 -5.45
C TYR A 338 -19.27 -2.99 -4.96
N PHE A 339 -19.13 -3.16 -3.64
CA PHE A 339 -18.76 -4.47 -3.10
C PHE A 339 -19.94 -5.32 -2.68
N TYR A 340 -21.16 -4.83 -2.83
CA TYR A 340 -22.32 -5.61 -2.45
C TYR A 340 -22.33 -7.00 -3.09
N PRO A 341 -22.01 -7.16 -4.37
CA PRO A 341 -22.00 -8.52 -4.95
C PRO A 341 -21.02 -9.46 -4.27
N VAL A 342 -19.92 -8.93 -3.74
CA VAL A 342 -18.92 -9.74 -3.05
C VAL A 342 -19.47 -10.19 -1.70
N VAL A 343 -20.05 -9.23 -0.95
CA VAL A 343 -20.60 -9.53 0.36
C VAL A 343 -21.74 -10.54 0.24
N LYS A 344 -22.63 -10.34 -0.75
CA LYS A 344 -23.72 -11.27 -0.98
C LYS A 344 -23.21 -12.67 -1.33
N GLU A 345 -22.18 -12.76 -2.18
CA GLU A 345 -21.64 -14.06 -2.57
C GLU A 345 -21.01 -14.80 -1.39
N GLN A 346 -20.39 -14.09 -0.45
CA GLN A 346 -19.74 -14.73 0.68
C GLN A 346 -20.71 -15.17 1.76
N SER A 347 -22.01 -14.96 1.58
CA SER A 347 -23.03 -15.49 2.49
C SER A 347 -23.97 -16.43 1.75
#